data_4LAE
#
_entry.id   4LAE
#
_cell.length_a   79.360
_cell.length_b   79.360
_cell.length_c   107.104
_cell.angle_alpha   90.000
_cell.angle_beta   90.000
_cell.angle_gamma   120.000
#
_symmetry.space_group_name_H-M   'P 61 2 2'
#
loop_
_entity.id
_entity.type
_entity.pdbx_description
1 polymer 'Dihydrofolate reductase'
2 non-polymer 'NADP NICOTINAMIDE-ADENINE-DINUCLEOTIDE PHOSPHATE'
3 non-polymer 7-[5,6-dimethyl-2-(1,3-thiazol-2-yl)-1H-benzimidazol-1-yl]quinazoline-2,4-diamine
4 water water
#
_entity_poly.entity_id   1
_entity_poly.type   'polypeptide(L)'
_entity_poly.pdbx_seq_one_letter_code
;MTLSILVAHDLQRVIGFENQLPWHLPNDLKHVKKLSTGHTLVMGRKTFESIGKPLPNRRNVVLTSDTSFNVEGVDVIHSI
EDIYQLPGHVFIFGGQTLFEEMIDKVDDMYITVIEGKFRGDTFFPPYTFEDWEVASSVEGKLDEKNTIPHTFLHLIRKKL
EHHHHHH
;
_entity_poly.pdbx_strand_id   X
#
loop_
_chem_comp.id
_chem_comp.type
_chem_comp.name
_chem_comp.formula
1VM non-polymer 7-[5,6-dimethyl-2-(1,3-thiazol-2-yl)-1H-benzimidazol-1-yl]quinazoline-2,4-diamine 'C20 H17 N7 S'
NAP non-polymer 'NADP NICOTINAMIDE-ADENINE-DINUCLEOTIDE PHOSPHATE' 'C21 H28 N7 O17 P3'
#
# COMPACT_ATOMS: atom_id res chain seq x y z
N THR A 2 6.95 -5.51 13.09
CA THR A 2 7.05 -4.24 12.32
C THR A 2 5.73 -3.93 11.62
N LEU A 3 5.35 -2.66 11.64
CA LEU A 3 4.18 -2.16 10.94
C LEU A 3 4.67 -1.17 9.88
N SER A 4 4.41 -1.49 8.63
CA SER A 4 4.89 -0.70 7.50
C SER A 4 3.72 -0.27 6.60
N ILE A 5 3.88 0.86 5.92
CA ILE A 5 2.99 1.20 4.82
C ILE A 5 3.63 0.75 3.51
N LEU A 6 2.79 0.24 2.60
CA LEU A 6 3.18 0.04 1.21
C LEU A 6 2.27 0.93 0.38
N VAL A 7 2.84 1.77 -0.47
CA VAL A 7 2.02 2.62 -1.35
C VAL A 7 2.78 3.00 -2.63
N ALA A 8 2.03 3.18 -3.71
CA ALA A 8 2.50 3.85 -4.91
C ALA A 8 1.72 5.14 -5.04
N HIS A 9 2.43 6.28 -5.09
CA HIS A 9 1.73 7.56 -5.31
C HIS A 9 2.44 8.42 -6.34
N ASP A 10 1.70 9.27 -7.04
CA ASP A 10 2.33 10.08 -8.08
C ASP A 10 2.90 11.39 -7.52
N LEU A 11 3.30 12.30 -8.40
CA LEU A 11 3.96 13.53 -7.97
C LEU A 11 3.07 14.43 -7.08
N GLN A 12 1.76 14.20 -7.15
CA GLN A 12 0.79 14.98 -6.40
C GLN A 12 0.06 14.12 -5.36
N ARG A 13 0.65 12.95 -5.10
CA ARG A 13 0.15 11.96 -4.14
C ARG A 13 -1.14 11.24 -4.52
N VAL A 14 -1.52 11.32 -5.80
CA VAL A 14 -2.62 10.46 -6.29
C VAL A 14 -2.27 8.98 -6.07
N ILE A 15 -3.24 8.21 -5.58
CA ILE A 15 -3.08 6.76 -5.46
C ILE A 15 -4.10 5.93 -6.25
N GLY A 16 -5.24 6.53 -6.59
CA GLY A 16 -6.28 5.75 -7.24
C GLY A 16 -7.24 6.58 -8.06
N PHE A 17 -7.95 5.89 -8.94
CA PHE A 17 -9.03 6.51 -9.70
C PHE A 17 -10.05 5.45 -10.01
N GLU A 18 -11.30 5.72 -9.62
CA GLU A 18 -12.40 4.80 -9.87
C GLU A 18 -12.10 3.37 -9.40
N ASN A 19 -11.56 3.30 -8.19
CA ASN A 19 -11.28 2.04 -7.50
C ASN A 19 -10.23 1.15 -8.16
N GLN A 20 -9.40 1.76 -9.00
CA GLN A 20 -8.25 1.06 -9.59
C GLN A 20 -7.01 1.95 -9.54
N LEU A 21 -5.86 1.37 -9.86
CA LEU A 21 -4.64 2.16 -10.04
C LEU A 21 -4.76 3.03 -11.30
N PRO A 22 -4.29 4.29 -11.22
CA PRO A 22 -4.32 5.15 -12.41
C PRO A 22 -3.29 4.79 -13.50
N TRP A 23 -2.32 3.95 -13.15
CA TRP A 23 -1.20 3.63 -14.05
C TRP A 23 -1.06 2.14 -14.24
N HIS A 24 -0.45 1.77 -15.36
CA HIS A 24 -0.03 0.40 -15.59
C HIS A 24 1.47 0.33 -15.39
N LEU A 25 1.89 -0.33 -14.32
CA LEU A 25 3.32 -0.43 -14.01
C LEU A 25 3.65 -1.80 -13.40
N PRO A 26 3.85 -2.81 -14.27
CA PRO A 26 4.12 -4.17 -13.80
C PRO A 26 5.20 -4.27 -12.71
N ASN A 27 6.28 -3.49 -12.86
CA ASN A 27 7.37 -3.50 -11.88
C ASN A 27 6.97 -3.11 -10.45
N ASP A 28 5.96 -2.24 -10.29
CA ASP A 28 5.47 -1.90 -8.96
C ASP A 28 4.79 -3.09 -8.30
N LEU A 29 3.97 -3.79 -9.09
CA LEU A 29 3.30 -5.00 -8.61
C LEU A 29 4.33 -6.04 -8.19
N LYS A 30 5.38 -6.19 -9.00
CA LYS A 30 6.48 -7.10 -8.67
C LYS A 30 7.16 -6.70 -7.35
N HIS A 31 7.41 -5.40 -7.21
CA HIS A 31 8.00 -4.81 -6.00
C HIS A 31 7.19 -5.17 -4.76
N VAL A 32 5.87 -4.95 -4.85
CA VAL A 32 4.92 -5.24 -3.79
C VAL A 32 4.88 -6.73 -3.45
N LYS A 33 4.89 -7.57 -4.48
CA LYS A 33 4.88 -9.01 -4.31
C LYS A 33 6.15 -9.45 -3.57
N LYS A 34 7.30 -8.93 -4.00
CA LYS A 34 8.58 -9.30 -3.40
C LYS A 34 8.68 -8.88 -1.92
N LEU A 35 8.21 -7.67 -1.61
CA LEU A 35 8.30 -7.16 -0.23
C LEU A 35 7.41 -7.89 0.76
N SER A 36 6.21 -8.27 0.31
CA SER A 36 5.19 -8.79 1.22
C SER A 36 5.03 -10.31 1.22
N THR A 37 5.80 -11.00 0.37
CA THR A 37 5.73 -12.47 0.32
C THR A 37 6.02 -13.05 1.70
N GLY A 38 5.10 -13.88 2.17
CA GLY A 38 5.25 -14.55 3.47
C GLY A 38 4.92 -13.69 4.67
N HIS A 39 4.38 -12.49 4.41
CA HIS A 39 4.02 -11.56 5.48
C HIS A 39 2.52 -11.31 5.51
N THR A 40 2.11 -10.16 6.04
CA THR A 40 0.68 -9.87 6.19
C THR A 40 0.32 -8.53 5.53
N LEU A 41 -0.76 -8.54 4.76
CA LEU A 41 -1.33 -7.33 4.18
C LEU A 41 -2.65 -7.01 4.87
N VAL A 42 -2.79 -5.75 5.30
CA VAL A 42 -4.06 -5.23 5.81
C VAL A 42 -4.58 -4.22 4.81
N MET A 43 -5.81 -4.42 4.36
CA MET A 43 -6.39 -3.51 3.38
C MET A 43 -7.83 -3.17 3.72
N GLY A 44 -8.29 -2.01 3.26
CA GLY A 44 -9.69 -1.64 3.38
C GLY A 44 -10.55 -2.49 2.45
N ARG A 45 -11.86 -2.44 2.69
CA ARG A 45 -12.81 -3.24 1.92
C ARG A 45 -12.79 -2.90 0.41
N LYS A 46 -12.67 -1.62 0.08
CA LYS A 46 -12.73 -1.21 -1.32
C LYS A 46 -11.51 -1.74 -2.08
N THR A 47 -10.34 -1.61 -1.47
CA THR A 47 -9.11 -2.14 -2.05
C THR A 47 -9.24 -3.64 -2.29
N PHE A 48 -9.78 -4.36 -1.32
CA PHE A 48 -9.97 -5.79 -1.51
C PHE A 48 -10.87 -6.09 -2.71
N GLU A 49 -12.01 -5.41 -2.80
CA GLU A 49 -12.94 -5.67 -3.89
C GLU A 49 -12.32 -5.32 -5.25
N SER A 50 -11.44 -4.32 -5.25
CA SER A 50 -10.70 -3.91 -6.46
C SER A 50 -9.79 -5.01 -6.98
N ILE A 51 -9.07 -5.66 -6.06
CA ILE A 51 -8.17 -6.76 -6.39
C ILE A 51 -8.99 -8.01 -6.73
N GLY A 52 -10.09 -8.20 -5.98
CA GLY A 52 -11.09 -9.24 -6.31
C GLY A 52 -10.91 -10.58 -5.63
N LYS A 53 -9.67 -10.87 -5.23
CA LYS A 53 -9.32 -12.13 -4.56
C LYS A 53 -8.10 -11.88 -3.67
N PRO A 54 -7.90 -12.73 -2.64
CA PRO A 54 -6.69 -12.56 -1.82
C PRO A 54 -5.43 -12.82 -2.65
N LEU A 55 -4.35 -12.12 -2.32
CA LEU A 55 -3.07 -12.37 -2.98
C LEU A 55 -2.43 -13.62 -2.37
N PRO A 56 -2.00 -14.57 -3.22
CA PRO A 56 -1.41 -15.81 -2.74
C PRO A 56 -0.11 -15.60 -1.97
N ASN A 57 0.18 -16.52 -1.05
CA ASN A 57 1.45 -16.60 -0.33
C ASN A 57 1.75 -15.44 0.62
N ARG A 58 0.66 -14.87 1.15
CA ARG A 58 0.72 -13.91 2.25
C ARG A 58 -0.62 -13.94 2.95
N ARG A 59 -0.64 -13.50 4.21
CA ARG A 59 -1.90 -13.37 4.94
C ARG A 59 -2.61 -12.11 4.47
N ASN A 60 -3.84 -12.29 4.00
CA ASN A 60 -4.69 -11.18 3.56
C ASN A 60 -5.72 -10.84 4.63
N VAL A 61 -5.60 -9.63 5.19
CA VAL A 61 -6.54 -9.14 6.20
C VAL A 61 -7.33 -7.98 5.64
N VAL A 62 -8.66 -8.05 5.75
CA VAL A 62 -9.54 -7.00 5.24
C VAL A 62 -10.26 -6.31 6.40
N LEU A 63 -10.15 -4.97 6.41
CA LEU A 63 -10.84 -4.15 7.38
C LEU A 63 -12.15 -3.64 6.82
N THR A 64 -13.25 -3.99 7.50
CA THR A 64 -14.60 -3.64 7.07
C THR A 64 -15.55 -3.56 8.27
N SER A 65 -16.59 -2.73 8.15
CA SER A 65 -17.68 -2.71 9.14
C SER A 65 -18.70 -3.82 8.88
N ASP A 66 -18.59 -4.47 7.72
CA ASP A 66 -19.56 -5.47 7.29
C ASP A 66 -19.40 -6.76 8.08
N THR A 67 -20.35 -7.03 8.97
CA THR A 67 -20.32 -8.22 9.82
C THR A 67 -20.70 -9.50 9.04
N SER A 68 -21.18 -9.33 7.82
CA SER A 68 -21.45 -10.46 6.93
C SER A 68 -20.24 -10.85 6.08
N PHE A 69 -19.16 -10.08 6.17
CA PHE A 69 -17.96 -10.37 5.43
C PHE A 69 -17.26 -11.63 5.97
N ASN A 70 -17.19 -12.65 5.12
CA ASN A 70 -16.52 -13.90 5.47
C ASN A 70 -16.07 -14.61 4.19
N VAL A 71 -14.90 -14.19 3.68
CA VAL A 71 -14.40 -14.62 2.37
C VAL A 71 -13.28 -15.65 2.52
N GLU A 72 -13.35 -16.72 1.73
CA GLU A 72 -12.32 -17.76 1.73
C GLU A 72 -10.93 -17.20 1.43
N GLY A 73 -9.95 -17.58 2.25
CA GLY A 73 -8.56 -17.14 2.09
C GLY A 73 -8.30 -15.73 2.60
N VAL A 74 -9.30 -15.13 3.23
CA VAL A 74 -9.20 -13.78 3.78
C VAL A 74 -9.59 -13.77 5.25
N ASP A 75 -8.78 -13.11 6.06
CA ASP A 75 -9.13 -12.86 7.46
C ASP A 75 -9.74 -11.46 7.58
N VAL A 76 -10.81 -11.35 8.36
CA VAL A 76 -11.50 -10.06 8.51
C VAL A 76 -11.25 -9.45 9.89
N ILE A 77 -11.13 -8.12 9.90
CA ILE A 77 -11.09 -7.35 11.14
C ILE A 77 -12.09 -6.20 11.03
N HIS A 78 -12.55 -5.70 12.17
CA HIS A 78 -13.60 -4.68 12.18
C HIS A 78 -13.19 -3.38 12.88
N SER A 79 -11.92 -3.32 13.31
CA SER A 79 -11.38 -2.18 14.03
C SER A 79 -9.91 -1.97 13.68
N ILE A 80 -9.48 -0.72 13.68
CA ILE A 80 -8.06 -0.38 13.50
C ILE A 80 -7.24 -1.05 14.60
N GLU A 81 -7.82 -1.12 15.80
CA GLU A 81 -7.14 -1.68 16.96
C GLU A 81 -6.75 -3.15 16.78
N ASP A 82 -7.52 -3.88 15.97
CA ASP A 82 -7.25 -5.27 15.63
C ASP A 82 -5.90 -5.47 14.92
N ILE A 83 -5.46 -4.45 14.19
CA ILE A 83 -4.20 -4.49 13.43
C ILE A 83 -3.01 -4.81 14.33
N TYR A 84 -3.01 -4.21 15.52
CA TYR A 84 -1.90 -4.34 16.46
C TYR A 84 -1.78 -5.73 17.11
N GLN A 85 -2.80 -6.56 16.91
CA GLN A 85 -2.80 -7.94 17.42
C GLN A 85 -2.33 -8.96 16.37
N LEU A 86 -2.04 -8.47 15.17
CA LEU A 86 -1.54 -9.32 14.07
C LEU A 86 -0.03 -9.54 14.23
N PRO A 87 0.41 -10.80 14.27
CA PRO A 87 1.83 -11.14 14.42
C PRO A 87 2.66 -10.88 13.16
N GLY A 88 3.96 -10.73 13.34
CA GLY A 88 4.91 -10.64 12.23
C GLY A 88 4.97 -9.28 11.58
N HIS A 89 5.54 -9.24 10.37
CA HIS A 89 5.61 -8.01 9.59
C HIS A 89 4.27 -7.72 8.93
N VAL A 90 3.63 -6.64 9.35
CA VAL A 90 2.32 -6.26 8.82
C VAL A 90 2.49 -5.05 7.90
N PHE A 91 1.95 -5.17 6.68
CA PHE A 91 1.98 -4.08 5.71
C PHE A 91 0.60 -3.48 5.55
N ILE A 92 0.49 -2.17 5.74
CA ILE A 92 -0.75 -1.46 5.43
C ILE A 92 -0.79 -1.26 3.91
N PHE A 93 -1.82 -1.84 3.28
CA PHE A 93 -1.86 -2.06 1.83
C PHE A 93 -2.77 -1.08 1.08
N GLY A 94 -3.49 -0.26 1.84
CA GLY A 94 -4.43 0.71 1.25
C GLY A 94 -5.87 0.48 1.67
N GLY A 95 -6.79 1.32 1.20
CA GLY A 95 -6.49 2.42 0.30
C GLY A 95 -6.36 3.73 1.06
N GLN A 96 -6.92 4.80 0.49
CA GLN A 96 -6.80 6.14 1.08
C GLN A 96 -7.17 6.17 2.56
N THR A 97 -8.32 5.56 2.87
CA THR A 97 -8.84 5.59 4.23
C THR A 97 -7.86 4.93 5.19
N LEU A 98 -7.39 3.73 4.84
CA LEU A 98 -6.40 3.04 5.67
C LEU A 98 -5.11 3.83 5.84
N PHE A 99 -4.61 4.42 4.76
CA PHE A 99 -3.38 5.22 4.81
C PHE A 99 -3.55 6.42 5.75
N GLU A 100 -4.70 7.09 5.65
CA GLU A 100 -4.99 8.24 6.49
C GLU A 100 -5.04 7.83 7.96
N GLU A 101 -5.59 6.66 8.22
CA GLU A 101 -5.72 6.16 9.59
C GLU A 101 -4.40 5.66 10.18
N MET A 102 -3.45 5.28 9.32
CA MET A 102 -2.27 4.57 9.80
C MET A 102 -0.93 5.29 9.64
N ILE A 103 -0.90 6.38 8.86
CA ILE A 103 0.38 7.07 8.60
C ILE A 103 1.10 7.54 9.88
N ASP A 104 0.35 7.99 10.88
CA ASP A 104 0.95 8.42 12.15
C ASP A 104 1.36 7.26 13.07
N LYS A 105 1.05 6.03 12.68
CA LYS A 105 1.23 4.86 13.54
C LYS A 105 2.32 3.90 13.07
N VAL A 106 2.66 3.95 11.78
CA VAL A 106 3.57 2.96 11.19
C VAL A 106 5.03 3.29 11.50
N ASP A 107 5.87 2.26 11.49
CA ASP A 107 7.31 2.40 11.74
C ASP A 107 8.04 2.96 10.52
N ASP A 108 7.58 2.55 9.35
CA ASP A 108 8.25 2.90 8.09
C ASP A 108 7.29 2.81 6.92
N MET A 109 7.75 3.29 5.78
CA MET A 109 6.95 3.28 4.55
C MET A 109 7.81 2.85 3.37
N TYR A 110 7.27 1.96 2.55
CA TYR A 110 7.88 1.60 1.28
C TYR A 110 7.02 2.24 0.22
N ILE A 111 7.55 3.32 -0.35
CA ILE A 111 6.80 4.11 -1.33
C ILE A 111 7.38 3.94 -2.72
N THR A 112 6.52 3.69 -3.70
CA THR A 112 6.89 3.82 -5.09
C THR A 112 6.38 5.19 -5.55
N VAL A 113 7.32 6.10 -5.79
CA VAL A 113 6.95 7.42 -6.32
C VAL A 113 6.82 7.28 -7.82
N ILE A 114 5.59 7.46 -8.31
CA ILE A 114 5.31 7.43 -9.73
C ILE A 114 5.55 8.85 -10.24
N GLU A 115 6.58 9.00 -11.07
CA GLU A 115 7.09 10.33 -11.40
C GLU A 115 6.30 10.94 -12.56
N GLY A 116 4.98 10.99 -12.38
CA GLY A 116 4.07 11.60 -13.35
C GLY A 116 2.89 12.26 -12.66
N LYS A 117 2.01 12.87 -13.44
CA LYS A 117 0.82 13.51 -12.91
C LYS A 117 -0.42 12.89 -13.53
N PHE A 118 -1.15 12.13 -12.71
CA PHE A 118 -2.34 11.39 -13.14
C PHE A 118 -3.63 12.01 -12.62
N ARG A 119 -4.74 11.70 -13.27
CA ARG A 119 -6.06 12.02 -12.73
C ARG A 119 -6.35 11.06 -11.58
N GLY A 120 -6.64 11.61 -10.41
CA GLY A 120 -6.99 10.77 -9.27
C GLY A 120 -8.27 11.19 -8.57
N ASP A 121 -8.86 10.26 -7.83
CA ASP A 121 -9.95 10.58 -6.91
C ASP A 121 -9.64 10.16 -5.48
N THR A 122 -8.45 9.60 -5.27
CA THR A 122 -8.00 9.19 -3.95
C THR A 122 -6.50 9.49 -3.80
N PHE A 123 -6.08 9.86 -2.59
CA PHE A 123 -4.74 10.40 -2.36
C PHE A 123 -4.07 9.81 -1.14
N PHE A 124 -2.74 9.77 -1.18
CA PHE A 124 -1.95 9.47 0.01
C PHE A 124 -1.87 10.78 0.80
N PRO A 125 -1.92 10.72 2.15
CA PRO A 125 -1.85 11.96 2.94
C PRO A 125 -0.49 12.65 2.80
N PRO A 126 -0.48 13.99 2.94
CA PRO A 126 0.79 14.74 2.94
C PRO A 126 1.73 14.22 4.02
N TYR A 127 3.03 14.23 3.72
CA TYR A 127 4.05 13.90 4.70
C TYR A 127 5.28 14.73 4.36
N THR A 128 6.18 14.87 5.34
CA THR A 128 7.38 15.68 5.16
C THR A 128 8.63 14.90 5.50
N PHE A 129 9.69 15.08 4.72
CA PHE A 129 10.98 14.43 4.96
C PHE A 129 11.68 14.89 6.25
N GLU A 130 11.09 15.88 6.92
CA GLU A 130 11.55 16.27 8.26
C GLU A 130 11.23 15.20 9.28
N ASP A 131 10.22 14.38 8.99
CA ASP A 131 9.77 13.32 9.89
C ASP A 131 10.31 11.95 9.50
N TRP A 132 10.84 11.84 8.29
CA TRP A 132 11.18 10.56 7.67
C TRP A 132 12.60 10.53 7.12
N GLU A 133 13.39 9.57 7.58
CA GLU A 133 14.73 9.36 7.05
C GLU A 133 14.67 8.49 5.81
N VAL A 134 15.45 8.86 4.79
CA VAL A 134 15.48 8.08 3.56
C VAL A 134 16.47 6.91 3.75
N ALA A 135 15.93 5.75 4.09
CA ALA A 135 16.74 4.55 4.27
C ALA A 135 17.33 4.10 2.93
N SER A 136 16.55 4.24 1.86
CA SER A 136 17.03 3.96 0.51
C SER A 136 16.15 4.66 -0.52
N SER A 137 16.76 4.95 -1.66
CA SER A 137 16.07 5.52 -2.81
C SER A 137 16.69 4.90 -4.05
N VAL A 138 15.85 4.19 -4.82
CA VAL A 138 16.33 3.39 -5.95
C VAL A 138 15.48 3.71 -7.16
N GLU A 139 16.12 4.18 -8.23
CA GLU A 139 15.40 4.49 -9.46
C GLU A 139 14.93 3.20 -10.14
N GLY A 140 13.66 3.16 -10.51
CA GLY A 140 13.13 2.03 -11.25
C GLY A 140 13.66 2.00 -12.67
N LYS A 141 13.97 0.80 -13.15
CA LYS A 141 14.45 0.64 -14.53
C LYS A 141 13.27 0.66 -15.49
N LEU A 142 13.44 1.34 -16.62
CA LEU A 142 12.38 1.45 -17.61
C LEU A 142 12.60 0.56 -18.82
N ASP A 143 11.49 0.08 -19.37
CA ASP A 143 11.47 -0.67 -20.63
C ASP A 143 10.12 -0.46 -21.31
N GLU A 144 9.81 -1.26 -22.32
CA GLU A 144 8.55 -1.11 -23.06
C GLU A 144 7.32 -1.54 -22.25
N LYS A 145 7.52 -2.38 -21.23
CA LYS A 145 6.43 -2.81 -20.37
C LYS A 145 6.29 -1.87 -19.16
N ASN A 146 7.35 -1.14 -18.85
CA ASN A 146 7.40 -0.24 -17.71
C ASN A 146 7.95 1.12 -18.12
N THR A 147 7.04 2.00 -18.54
CA THR A 147 7.41 3.19 -19.28
C THR A 147 7.29 4.50 -18.48
N ILE A 148 6.75 4.42 -17.26
CA ILE A 148 6.61 5.59 -16.40
C ILE A 148 7.77 5.63 -15.41
N PRO A 149 8.52 6.74 -15.35
CA PRO A 149 9.64 6.79 -14.40
C PRO A 149 9.09 6.64 -12.99
N HIS A 150 9.83 5.93 -12.16
CA HIS A 150 9.42 5.69 -10.79
C HIS A 150 10.62 5.46 -9.91
N THR A 151 10.45 5.74 -8.62
CA THR A 151 11.52 5.60 -7.65
C THR A 151 10.99 4.86 -6.44
N PHE A 152 11.73 3.84 -5.98
CA PHE A 152 11.39 3.10 -4.78
C PHE A 152 12.09 3.75 -3.59
N LEU A 153 11.28 4.31 -2.68
CA LEU A 153 11.77 4.88 -1.42
C LEU A 153 11.45 3.98 -0.25
N HIS A 154 12.42 3.83 0.64
CA HIS A 154 12.15 3.26 1.95
C HIS A 154 12.40 4.35 2.97
N LEU A 155 11.33 4.77 3.66
CA LEU A 155 11.37 5.86 4.63
C LEU A 155 11.14 5.30 6.01
N ILE A 156 11.97 5.74 6.96
CA ILE A 156 11.86 5.29 8.35
C ILE A 156 11.60 6.51 9.23
N ARG A 157 10.59 6.40 10.11
CA ARG A 157 10.20 7.51 10.97
C ARG A 157 11.38 7.91 11.86
N LYS A 158 11.69 9.21 11.85
CA LYS A 158 12.77 9.75 12.67
C LYS A 158 12.43 9.67 14.15
PA NAP B . -10.27 1.61 1.15
O1A NAP B . -9.41 2.29 2.13
O2A NAP B . -9.61 0.57 0.33
O5B NAP B . -11.54 0.96 1.87
C5B NAP B . -12.37 1.76 2.66
C4B NAP B . -13.25 0.83 3.46
O4B NAP B . -12.46 0.19 4.43
C3B NAP B . -14.36 1.53 4.22
O3B NAP B . -15.45 1.92 3.39
C2B NAP B . -14.66 0.47 5.26
O2B NAP B . -15.32 -0.62 4.68
C1B NAP B . -13.25 -0.03 5.59
N9A NAP B . -12.65 0.66 6.74
C8A NAP B . -11.62 1.58 6.75
N7A NAP B . -11.38 1.93 8.04
C5A NAP B . -12.24 1.24 8.84
C6A NAP B . -12.44 1.19 10.22
N6A NAP B . -11.70 1.95 11.05
N1A NAP B . -13.42 0.36 10.73
C2A NAP B . -14.18 -0.43 9.91
N3A NAP B . -13.99 -0.38 8.54
C4A NAP B . -13.03 0.44 8.03
O3 NAP B . -10.99 2.71 0.23
PN NAP B . -10.60 4.16 -0.32
O1N NAP B . -10.19 5.04 0.79
O2N NAP B . -11.70 4.61 -1.20
O5D NAP B . -9.30 3.85 -1.22
C5D NAP B . -9.46 3.09 -2.40
C4D NAP B . -8.59 3.66 -3.52
O4D NAP B . -7.24 3.44 -3.17
C3D NAP B . -8.80 2.94 -4.86
O3D NAP B . -8.78 3.85 -5.93
C2D NAP B . -7.61 2.02 -4.98
O2D NAP B . -7.26 1.76 -6.33
C1D NAP B . -6.57 2.87 -4.28
N1N NAP B . -5.39 2.13 -3.81
C2N NAP B . -4.17 2.56 -4.24
C3N NAP B . -3.02 1.92 -3.83
C7N NAP B . -1.69 2.51 -4.23
O7N NAP B . -0.57 2.19 -3.47
N7N NAP B . -1.59 3.33 -5.27
C4N NAP B . -3.10 0.84 -2.95
C5N NAP B . -4.36 0.41 -2.50
C6N NAP B . -5.50 1.08 -2.93
P2B NAP B . -16.92 -0.78 4.80
O1X NAP B . -17.25 -2.14 4.21
O2X NAP B . -17.29 -0.75 6.28
O3X NAP B . -17.59 0.33 4.04
N11 1VM C . -0.26 -0.67 -1.15
C1 1VM C . 0.26 -0.84 -2.38
N2 1VM C . 1.44 -0.28 -2.73
C6 1VM C . -0.47 -1.63 -3.41
C5 1VM C . 0.15 -1.76 -4.74
N4 1VM C . 1.34 -1.13 -4.95
C3 1VM C . 1.97 -0.41 -3.98
N12 1VM C . 3.17 0.16 -4.26
C7 1VM C . -1.69 -2.26 -3.16
C8 1VM C . -2.28 -2.99 -4.20
C9 1VM C . -1.74 -3.14 -5.49
C10 1VM C . -0.50 -2.51 -5.72
N13 1VM C . -2.36 -3.91 -6.40
C14 1VM C . -1.81 -5.10 -6.74
C18 1VM C . -0.62 -5.76 -6.43
C19 1VM C . -0.35 -7.01 -7.03
C22 1VM C . 0.93 -7.73 -6.70
C20 1VM C . -1.34 -7.60 -7.99
C23 1VM C . -1.07 -8.94 -8.66
C21 1VM C . -2.52 -6.92 -8.30
C15 1VM C . -2.80 -5.68 -7.70
N16 1VM C . -3.84 -4.81 -7.81
C17 1VM C . -3.54 -3.78 -6.99
C24 1VM C . -4.49 -2.64 -6.83
N25 1VM C . -4.21 -1.49 -6.19
C26 1VM C . -5.30 -0.65 -6.21
C27 1VM C . -6.45 -1.12 -6.85
S28 1VM C . -6.09 -2.70 -7.45
#